data_9FK8
#
_entry.id   9FK8
#
_cell.length_a   88.871
_cell.length_b   61.555
_cell.length_c   110.771
_cell.angle_alpha   90.000
_cell.angle_beta   105.319
_cell.angle_gamma   90.000
#
_symmetry.space_group_name_H-M   'I 1 2 1'
#
loop_
_entity.id
_entity.type
_entity.pdbx_description
1 polymer Endo-1,4-beta-xylanase
2 non-polymer 'ZINC ION'
3 non-polymer 'CHLORIDE ION'
4 water water
#
_entity_poly.entity_id   1
_entity_poly.type   'polypeptide(L)'
_entity_poly.pdbx_seq_one_letter_code
;KNADSYAKKPHISALNAPQLDQRYKNEFTIGAAVEPYQLQNEKDVQMLKRHFNSIVAENVMKPISIQPEEGKFNFEQADR
IVKFAKANGMDIRFHTLVWHSQVPQWFFLDKEGKPMVNETDPVKREQNKQLLLKRLETHIKTIVERYKDDIKYWDVVTEV
VGDDGKLRNSPWYQIAGIDYIKVAFQAARKYGGDNIKLYMNDYNTEVEPKRTALYNLVKQLKEEGVPIDGIGHQSHIQIG
WPSEAEIEKTINMFAALGLDNQITGLDVSMYGWPPRAYPTYDAIPKQKFLDQAARYDRLFKLYEKLSDKISNVTFWGIAD
NHTWLDSRADVYYDANGNVVVDPNAPYAKVEKGKGKDAPFVFGPDYKVKPAYWAIIDHK
;
_entity_poly.pdbx_strand_id   A
#
loop_
_chem_comp.id
_chem_comp.type
_chem_comp.name
_chem_comp.formula
CL non-polymer 'CHLORIDE ION' 'Cl -1'
ZN non-polymer 'ZINC ION' 'Zn 2'
#
# COMPACT_ATOMS: atom_id res chain seq x y z
N SER A 5 -4.36 -23.15 8.65
CA SER A 5 -3.83 -23.81 9.83
C SER A 5 -4.74 -23.71 11.04
N TYR A 6 -5.51 -24.79 11.26
CA TYR A 6 -6.27 -25.08 12.47
C TYR A 6 -7.64 -24.42 12.48
N ALA A 7 -8.69 -25.24 12.44
CA ALA A 7 -10.07 -24.80 12.61
C ALA A 7 -10.62 -25.14 13.99
N LYS A 8 -9.92 -25.97 14.77
CA LYS A 8 -10.34 -26.22 16.14
C LYS A 8 -10.04 -25.04 17.05
N LYS A 9 -9.11 -24.17 16.67
CA LYS A 9 -8.87 -22.97 17.44
C LYS A 9 -10.07 -22.03 17.30
N PRO A 10 -10.50 -21.41 18.40
CA PRO A 10 -11.83 -20.79 18.42
C PRO A 10 -11.87 -19.41 17.78
N HIS A 11 -13.08 -19.05 17.35
CA HIS A 11 -13.41 -17.76 16.74
C HIS A 11 -13.68 -16.72 17.83
N ILE A 12 -12.64 -16.47 18.64
CA ILE A 12 -12.78 -15.55 19.78
C ILE A 12 -12.64 -14.11 19.30
N SER A 13 -13.10 -13.19 20.15
CA SER A 13 -12.93 -11.76 19.87
C SER A 13 -11.44 -11.44 19.79
N ALA A 14 -11.07 -10.66 18.76
CA ALA A 14 -9.68 -10.24 18.62
C ALA A 14 -9.20 -9.38 19.79
N LEU A 15 -10.12 -8.71 20.49
CA LEU A 15 -9.73 -7.95 21.68
C LEU A 15 -9.33 -8.86 22.83
N ASN A 16 -9.55 -10.16 22.72
CA ASN A 16 -9.15 -11.13 23.73
C ASN A 16 -8.01 -12.02 23.25
N ALA A 17 -7.47 -11.74 22.08
CA ALA A 17 -6.51 -12.65 21.49
C ALA A 17 -5.09 -12.17 21.74
N PRO A 18 -4.12 -13.10 21.76
CA PRO A 18 -2.71 -12.71 21.81
C PRO A 18 -2.39 -11.64 20.77
N GLN A 19 -1.56 -10.67 21.19
CA GLN A 19 -1.28 -9.49 20.40
C GLN A 19 -0.38 -9.82 19.21
N LEU A 20 -0.84 -9.46 18.01
CA LEU A 20 -0.11 -9.75 16.79
C LEU A 20 1.24 -9.04 16.75
N ASP A 21 1.30 -7.76 17.11
CA ASP A 21 2.58 -7.06 17.05
C ASP A 21 3.61 -7.65 18.02
N GLN A 22 3.15 -8.09 19.19
CA GLN A 22 4.07 -8.67 20.18
C GLN A 22 4.63 -10.00 19.71
N ARG A 23 3.83 -10.76 18.95
CA ARG A 23 4.31 -12.02 18.38
C ARG A 23 5.48 -11.79 17.44
N TYR A 24 5.46 -10.66 16.71
CA TYR A 24 6.47 -10.43 15.68
C TYR A 24 7.46 -9.33 16.05
N LYS A 25 7.51 -8.89 17.31
CA LYS A 25 8.17 -7.62 17.64
C LYS A 25 9.68 -7.63 17.39
N ASN A 26 10.34 -8.79 17.40
CA ASN A 26 11.75 -8.83 17.05
C ASN A 26 12.00 -9.03 15.57
N GLU A 27 10.97 -9.38 14.81
CA GLU A 27 11.10 -9.67 13.40
C GLU A 27 10.76 -8.46 12.53
N PHE A 28 9.67 -7.75 12.82
CA PHE A 28 9.26 -6.57 12.07
C PHE A 28 8.04 -5.99 12.76
N THR A 29 7.80 -4.71 12.55
CA THR A 29 6.57 -4.11 13.05
C THR A 29 5.37 -4.65 12.28
N ILE A 30 4.19 -4.52 12.89
CA ILE A 30 2.94 -4.96 12.29
C ILE A 30 2.05 -3.73 12.20
N GLY A 31 1.64 -3.37 10.99
CA GLY A 31 0.91 -2.15 10.75
C GLY A 31 -0.48 -2.35 10.15
N ALA A 32 -1.29 -1.28 10.24
CA ALA A 32 -2.63 -1.23 9.68
C ALA A 32 -2.82 0.10 8.98
N ALA A 33 -3.54 0.09 7.85
CA ALA A 33 -3.93 1.32 7.15
C ALA A 33 -5.30 1.76 7.66
N VAL A 34 -5.46 3.07 7.87
CA VAL A 34 -6.65 3.58 8.56
C VAL A 34 -7.17 4.86 7.92
N GLU A 35 -8.46 5.13 8.19
CA GLU A 35 -9.15 6.39 7.96
C GLU A 35 -9.41 7.10 9.29
N PRO A 36 -9.39 8.42 9.31
CA PRO A 36 -9.59 9.13 10.59
C PRO A 36 -10.83 8.71 11.34
N TYR A 37 -11.94 8.40 10.65
CA TYR A 37 -13.16 8.04 11.36
C TYR A 37 -12.97 6.78 12.21
N GLN A 38 -12.08 5.87 11.78
CA GLN A 38 -11.86 4.67 12.58
C GLN A 38 -11.22 5.00 13.94
N LEU A 39 -10.54 6.13 14.05
CA LEU A 39 -10.01 6.56 15.34
C LEU A 39 -11.09 7.05 16.31
N GLN A 40 -12.33 7.17 15.83
CA GLN A 40 -13.46 7.57 16.66
C GLN A 40 -14.36 6.38 16.95
N ASN A 41 -13.95 5.18 16.56
CA ASN A 41 -14.73 3.97 16.74
C ASN A 41 -14.05 3.10 17.78
N GLU A 42 -14.79 2.71 18.82
CA GLU A 42 -14.16 2.05 19.96
C GLU A 42 -13.47 0.76 19.55
N LYS A 43 -14.12 -0.06 18.71
CA LYS A 43 -13.54 -1.35 18.34
C LYS A 43 -12.26 -1.17 17.53
N ASP A 44 -12.27 -0.25 16.56
CA ASP A 44 -11.07 -0.01 15.76
C ASP A 44 -9.94 0.54 16.63
N VAL A 45 -10.25 1.48 17.51
CA VAL A 45 -9.24 2.00 18.43
C VAL A 45 -8.66 0.88 19.28
N GLN A 46 -9.52 0.03 19.84
CA GLN A 46 -9.02 -1.08 20.66
C GLN A 46 -8.21 -2.05 19.82
N MET A 47 -8.61 -2.30 18.57
CA MET A 47 -7.84 -3.15 17.68
C MET A 47 -6.44 -2.58 17.44
N LEU A 48 -6.36 -1.27 17.16
CA LEU A 48 -5.05 -0.67 16.88
C LEU A 48 -4.14 -0.70 18.10
N LYS A 49 -4.70 -0.36 19.27
CA LYS A 49 -3.92 -0.42 20.51
C LYS A 49 -3.46 -1.84 20.82
N ARG A 50 -4.30 -2.84 20.53
CA ARG A 50 -3.98 -4.21 20.95
C ARG A 50 -2.97 -4.89 20.02
N HIS A 51 -3.13 -4.75 18.70
CA HIS A 51 -2.43 -5.64 17.78
C HIS A 51 -1.36 -5.01 16.91
N PHE A 52 -1.31 -3.68 16.82
CA PHE A 52 -0.51 -3.01 15.81
C PHE A 52 0.46 -2.02 16.45
N ASN A 53 1.66 -1.91 15.88
CA ASN A 53 2.61 -0.92 16.36
C ASN A 53 3.12 -0.04 15.22
N SER A 54 2.39 -0.01 14.10
CA SER A 54 2.71 0.84 12.96
C SER A 54 1.39 1.22 12.30
N ILE A 55 1.36 2.38 11.65
CA ILE A 55 0.14 2.90 11.08
C ILE A 55 0.45 3.67 9.79
N VAL A 56 -0.54 3.73 8.90
CA VAL A 56 -0.46 4.43 7.64
C VAL A 56 -1.86 4.90 7.29
N ALA A 57 -1.96 6.00 6.54
CA ALA A 57 -3.25 6.50 6.11
C ALA A 57 -3.67 5.81 4.81
N GLU A 58 -4.88 5.24 4.82
CA GLU A 58 -5.47 4.72 3.58
C GLU A 58 -5.51 5.79 2.50
N ASN A 59 -5.86 7.03 2.86
CA ASN A 59 -6.19 8.03 1.86
C ASN A 59 -5.78 9.46 2.23
N VAL A 60 -5.85 9.85 3.51
CA VAL A 60 -5.78 11.28 3.79
C VAL A 60 -4.38 11.86 3.68
N MET A 61 -3.36 11.07 3.36
CA MET A 61 -2.05 11.65 3.09
C MET A 61 -1.64 11.57 1.62
N LYS A 62 -2.55 11.13 0.74
CA LYS A 62 -2.29 11.18 -0.70
C LYS A 62 -2.31 12.63 -1.19
N PRO A 63 -1.66 12.93 -2.32
CA PRO A 63 -1.49 14.34 -2.75
C PRO A 63 -2.77 15.15 -2.83
N ILE A 64 -3.85 14.57 -3.37
CA ILE A 64 -5.07 15.36 -3.54
C ILE A 64 -5.70 15.65 -2.19
N SER A 65 -5.47 14.79 -1.20
CA SER A 65 -6.02 15.04 0.13
C SER A 65 -5.23 16.12 0.87
N ILE A 66 -3.94 16.24 0.57
CA ILE A 66 -3.08 17.20 1.26
C ILE A 66 -3.13 18.58 0.60
N GLN A 67 -2.99 18.67 -0.73
CA GLN A 67 -3.00 19.96 -1.43
C GLN A 67 -3.97 19.93 -2.60
N PRO A 68 -5.28 19.91 -2.33
CA PRO A 68 -6.25 19.80 -3.43
C PRO A 68 -6.28 21.00 -4.34
N GLU A 69 -5.86 22.17 -3.87
CA GLU A 69 -5.63 23.36 -4.68
C GLU A 69 -4.28 23.92 -4.27
N GLU A 70 -3.58 24.54 -5.22
CA GLU A 70 -2.25 25.05 -4.92
C GLU A 70 -2.30 26.10 -3.80
N GLY A 71 -1.50 25.88 -2.75
CA GLY A 71 -1.51 26.77 -1.61
C GLY A 71 -2.51 26.39 -0.54
N LYS A 72 -3.39 25.43 -0.82
CA LYS A 72 -4.38 24.90 0.13
C LYS A 72 -3.91 23.59 0.73
N PHE A 73 -3.39 23.64 1.95
CA PHE A 73 -2.90 22.44 2.61
C PHE A 73 -3.91 22.01 3.66
N ASN A 74 -4.39 20.77 3.54
CA ASN A 74 -5.35 20.23 4.49
C ASN A 74 -4.63 19.14 5.28
N PHE A 75 -4.01 19.54 6.39
CA PHE A 75 -3.34 18.59 7.27
C PHE A 75 -4.20 18.08 8.43
N GLU A 76 -5.45 18.54 8.61
CA GLU A 76 -6.15 18.13 9.84
C GLU A 76 -6.34 16.63 9.91
N GLN A 77 -6.77 16.01 8.81
CA GLN A 77 -7.03 14.58 8.84
C GLN A 77 -5.74 13.78 9.09
N ALA A 78 -4.66 14.13 8.38
CA ALA A 78 -3.38 13.48 8.63
C ALA A 78 -2.90 13.72 10.05
N ASP A 79 -3.08 14.94 10.57
CA ASP A 79 -2.68 15.24 11.95
C ASP A 79 -3.33 14.29 12.95
N ARG A 80 -4.60 13.94 12.72
CA ARG A 80 -5.29 13.07 13.66
C ARG A 80 -4.65 11.69 13.71
N ILE A 81 -4.20 11.19 12.56
CA ILE A 81 -3.53 9.90 12.51
C ILE A 81 -2.17 9.99 13.19
N VAL A 82 -1.44 11.08 12.96
CA VAL A 82 -0.14 11.28 13.61
C VAL A 82 -0.29 11.38 15.12
N LYS A 83 -1.28 12.15 15.58
CA LYS A 83 -1.50 12.31 17.01
C LYS A 83 -1.81 10.97 17.68
N PHE A 84 -2.66 10.16 17.05
CA PHE A 84 -3.01 8.86 17.61
C PHE A 84 -1.80 7.95 17.67
N ALA A 85 -1.00 7.93 16.60
CA ALA A 85 0.19 7.09 16.59
C ALA A 85 1.14 7.48 17.71
N LYS A 86 1.40 8.78 17.88
CA LYS A 86 2.35 9.21 18.90
C LYS A 86 1.85 8.84 20.29
N ALA A 87 0.54 8.99 20.53
CA ALA A 87 -0.01 8.66 21.84
C ALA A 87 0.06 7.17 22.13
N ASN A 88 0.22 6.34 21.11
CA ASN A 88 0.23 4.89 21.31
C ASN A 88 1.56 4.26 20.93
N GLY A 89 2.60 5.06 20.75
CA GLY A 89 3.92 4.52 20.44
C GLY A 89 3.99 3.77 19.12
N MET A 90 3.23 4.18 18.13
CA MET A 90 3.24 3.53 16.82
C MET A 90 4.19 4.24 15.85
N ASP A 91 4.95 3.46 15.08
CA ASP A 91 5.62 4.00 13.90
C ASP A 91 4.57 4.56 12.92
N ILE A 92 4.99 5.52 12.10
CA ILE A 92 4.11 6.08 11.07
C ILE A 92 4.79 5.93 9.71
N ARG A 93 4.02 5.49 8.71
CA ARG A 93 4.44 5.57 7.32
C ARG A 93 3.60 6.63 6.61
N PHE A 94 4.23 7.41 5.72
CA PHE A 94 3.52 8.40 4.94
C PHE A 94 3.26 7.85 3.54
N HIS A 95 1.98 7.68 3.21
CA HIS A 95 1.58 7.27 1.87
C HIS A 95 0.66 8.35 1.31
N THR A 96 1.10 9.10 0.29
CA THR A 96 2.41 9.03 -0.38
C THR A 96 2.69 10.41 -0.99
N LEU A 97 3.96 10.77 -1.15
CA LEU A 97 4.26 12.12 -1.62
C LEU A 97 3.90 12.31 -3.09
N VAL A 98 4.05 11.26 -3.91
CA VAL A 98 3.93 11.38 -5.37
C VAL A 98 3.24 10.13 -5.92
N TRP A 99 2.22 10.34 -6.74
CA TRP A 99 1.44 9.25 -7.32
C TRP A 99 0.67 9.79 -8.52
N HIS A 100 0.45 8.94 -9.53
CA HIS A 100 -0.33 9.34 -10.70
C HIS A 100 -1.83 9.27 -10.46
N SER A 101 -2.27 8.78 -9.32
CA SER A 101 -3.68 8.69 -8.98
C SER A 101 -3.93 9.48 -7.70
N GLN A 102 -5.18 9.89 -7.48
CA GLN A 102 -5.53 10.74 -6.34
C GLN A 102 -4.50 11.88 -6.19
N VAL A 103 -4.36 12.63 -7.29
CA VAL A 103 -3.37 13.69 -7.43
C VAL A 103 -4.05 14.89 -8.10
N PRO A 104 -3.91 16.10 -7.55
CA PRO A 104 -4.71 17.22 -8.08
C PRO A 104 -4.24 17.65 -9.48
N GLN A 105 -5.23 17.95 -10.33
CA GLN A 105 -4.91 18.27 -11.72
C GLN A 105 -4.18 19.61 -11.86
N TRP A 106 -4.31 20.51 -10.89
CA TRP A 106 -3.62 21.80 -11.00
C TRP A 106 -2.11 21.63 -11.14
N PHE A 107 -1.54 20.51 -10.68
CA PHE A 107 -0.10 20.30 -10.84
C PHE A 107 0.33 20.42 -12.30
N PHE A 108 -0.49 19.93 -13.22
CA PHE A 108 -0.08 19.69 -14.60
C PHE A 108 -0.66 20.71 -15.58
N LEU A 109 -1.12 21.86 -15.08
CA LEU A 109 -1.63 22.94 -15.92
C LEU A 109 -0.56 24.01 -16.06
N ASP A 110 -0.42 24.54 -17.28
CA ASP A 110 0.56 25.59 -17.52
C ASP A 110 0.02 26.94 -17.05
N LYS A 111 0.81 28.00 -17.27
CA LYS A 111 0.46 29.32 -16.74
C LYS A 111 -0.83 29.87 -17.33
N GLU A 112 -1.25 29.41 -18.51
CA GLU A 112 -2.51 29.81 -19.10
C GLU A 112 -3.62 28.82 -18.81
N GLY A 113 -3.41 27.91 -17.87
CA GLY A 113 -4.43 26.96 -17.48
C GLY A 113 -4.60 25.80 -18.42
N LYS A 114 -3.66 25.59 -19.37
CA LYS A 114 -3.83 24.50 -20.31
C LYS A 114 -3.00 23.29 -19.90
N PRO A 115 -3.42 22.09 -20.28
CA PRO A 115 -2.65 20.89 -19.91
C PRO A 115 -1.23 20.94 -20.48
N MET A 116 -0.25 20.74 -19.59
CA MET A 116 1.15 20.77 -20.00
C MET A 116 1.47 19.67 -21.00
N VAL A 117 0.77 18.53 -20.93
CA VAL A 117 1.08 17.43 -21.82
C VAL A 117 0.83 17.78 -23.28
N ASN A 118 -0.04 18.76 -23.54
CA ASN A 118 -0.38 19.14 -24.90
C ASN A 118 0.60 20.14 -25.51
N GLU A 119 1.57 20.64 -24.76
CA GLU A 119 2.47 21.65 -25.30
C GLU A 119 3.39 21.04 -26.34
N THR A 120 3.46 21.67 -27.52
CA THR A 120 4.34 21.25 -28.60
C THR A 120 5.68 21.96 -28.61
N ASP A 121 5.75 23.20 -28.13
CA ASP A 121 6.99 23.99 -28.19
C ASP A 121 8.03 23.46 -27.22
N PRO A 122 9.22 23.07 -27.68
CA PRO A 122 10.25 22.55 -26.75
C PRO A 122 10.71 23.57 -25.72
N VAL A 123 10.76 24.85 -26.07
CA VAL A 123 11.10 25.87 -25.08
C VAL A 123 10.06 25.89 -23.97
N LYS A 124 8.78 25.85 -24.35
CA LYS A 124 7.72 25.91 -23.36
C LYS A 124 7.60 24.59 -22.59
N ARG A 125 7.95 23.47 -23.24
CA ARG A 125 7.93 22.21 -22.52
C ARG A 125 8.97 22.19 -21.43
N GLU A 126 10.14 22.79 -21.69
CA GLU A 126 11.16 22.86 -20.66
C GLU A 126 10.71 23.76 -19.51
N GLN A 127 10.08 24.88 -19.84
CA GLN A 127 9.54 25.75 -18.79
C GLN A 127 8.48 25.02 -17.97
N ASN A 128 7.66 24.20 -18.62
CA ASN A 128 6.65 23.46 -17.87
C ASN A 128 7.29 22.42 -16.97
N LYS A 129 8.39 21.81 -17.43
CA LYS A 129 9.09 20.85 -16.60
C LYS A 129 9.60 21.52 -15.33
N GLN A 130 10.20 22.70 -15.46
CA GLN A 130 10.74 23.36 -14.29
C GLN A 130 9.63 23.83 -13.35
N LEU A 131 8.51 24.29 -13.92
CA LEU A 131 7.36 24.67 -13.12
C LEU A 131 6.81 23.47 -12.34
N LEU A 132 6.59 22.35 -13.02
CA LEU A 132 6.12 21.15 -12.34
C LEU A 132 7.08 20.74 -11.23
N LEU A 133 8.38 20.73 -11.53
CA LEU A 133 9.36 20.31 -10.53
C LEU A 133 9.37 21.27 -9.35
N LYS A 134 9.15 22.56 -9.60
CA LYS A 134 9.04 23.51 -8.51
C LYS A 134 7.79 23.23 -7.67
N ARG A 135 6.66 22.98 -8.31
CA ARG A 135 5.46 22.63 -7.56
C ARG A 135 5.67 21.36 -6.76
N LEU A 136 6.30 20.36 -7.36
CA LEU A 136 6.61 19.10 -6.67
C LEU A 136 7.43 19.37 -5.43
N GLU A 137 8.49 20.17 -5.56
CA GLU A 137 9.37 20.45 -4.43
C GLU A 137 8.62 21.15 -3.31
N THR A 138 7.76 22.12 -3.65
CA THR A 138 7.03 22.85 -2.61
C THR A 138 6.04 21.95 -1.90
N HIS A 139 5.37 21.07 -2.63
CA HIS A 139 4.45 20.11 -2.01
C HIS A 139 5.19 19.26 -0.99
N ILE A 140 6.30 18.65 -1.40
CA ILE A 140 7.09 17.78 -0.53
C ILE A 140 7.67 18.58 0.63
N LYS A 141 8.22 19.76 0.33
CA LYS A 141 8.83 20.60 1.36
C LYS A 141 7.84 20.90 2.48
N THR A 142 6.65 21.35 2.12
CA THR A 142 5.66 21.72 3.13
C THR A 142 5.28 20.53 4.00
N ILE A 143 5.03 19.37 3.38
CA ILE A 143 4.64 18.18 4.13
C ILE A 143 5.77 17.73 5.05
N VAL A 144 6.99 17.65 4.51
CA VAL A 144 8.07 17.06 5.28
C VAL A 144 8.52 18.00 6.39
N GLU A 145 8.50 19.32 6.13
CA GLU A 145 8.81 20.27 7.19
C GLU A 145 7.86 20.12 8.38
N ARG A 146 6.61 19.74 8.12
CA ARG A 146 5.65 19.58 9.21
C ARG A 146 5.84 18.27 9.97
N TYR A 147 6.17 17.17 9.28
CA TYR A 147 6.10 15.84 9.86
C TYR A 147 7.44 15.15 10.08
N LYS A 148 8.56 15.81 9.79
CA LYS A 148 9.86 15.13 9.77
C LYS A 148 10.24 14.55 11.13
N ASP A 149 9.79 15.15 12.23
CA ASP A 149 10.11 14.66 13.56
C ASP A 149 9.15 13.57 14.05
N ASP A 150 8.08 13.29 13.31
CA ASP A 150 7.06 12.33 13.75
C ASP A 150 6.96 11.09 12.88
N ILE A 151 7.26 11.20 11.58
CA ILE A 151 7.03 10.13 10.63
C ILE A 151 8.39 9.62 10.15
N LYS A 152 8.69 8.36 10.49
CA LYS A 152 10.00 7.82 10.15
C LYS A 152 10.07 7.30 8.71
N TYR A 153 8.98 6.76 8.18
CA TYR A 153 9.00 6.02 6.91
C TYR A 153 8.13 6.74 5.88
N TRP A 154 8.68 6.93 4.67
CA TRP A 154 8.05 7.74 3.63
C TRP A 154 7.98 6.97 2.33
N ASP A 155 6.76 6.78 1.80
CA ASP A 155 6.59 6.40 0.41
C ASP A 155 6.74 7.67 -0.42
N VAL A 156 7.95 7.90 -0.94
CA VAL A 156 8.23 9.12 -1.67
C VAL A 156 7.53 9.13 -3.02
N VAL A 157 7.70 8.05 -3.79
CA VAL A 157 6.98 7.89 -5.04
C VAL A 157 6.32 6.52 -5.04
N THR A 158 5.14 6.46 -5.65
CA THR A 158 4.34 5.23 -5.71
C THR A 158 4.01 4.92 -7.17
N GLU A 159 4.29 3.68 -7.58
CA GLU A 159 3.85 3.13 -8.87
C GLU A 159 4.44 3.88 -10.07
N VAL A 160 5.75 4.15 -10.02
CA VAL A 160 6.36 4.90 -11.12
C VAL A 160 6.88 4.00 -12.24
N VAL A 161 6.80 2.68 -12.07
CA VAL A 161 7.18 1.72 -13.10
C VAL A 161 5.91 1.05 -13.61
N GLY A 162 5.75 1.02 -14.93
CA GLY A 162 4.58 0.41 -15.51
C GLY A 162 4.66 -1.12 -15.45
N ASP A 163 3.49 -1.76 -15.57
CA ASP A 163 3.44 -3.21 -15.60
C ASP A 163 4.10 -3.80 -16.84
N ASP A 164 4.30 -3.00 -17.90
CA ASP A 164 5.07 -3.39 -19.07
C ASP A 164 6.58 -3.24 -18.87
N GLY A 165 7.04 -2.92 -17.66
CA GLY A 165 8.45 -2.80 -17.42
C GLY A 165 9.08 -1.51 -17.89
N LYS A 166 8.31 -0.59 -18.44
CA LYS A 166 8.77 0.75 -18.78
C LYS A 166 8.32 1.70 -17.67
N LEU A 167 8.97 2.87 -17.61
CA LEU A 167 8.49 3.86 -16.66
C LEU A 167 7.04 4.20 -16.99
N ARG A 168 6.21 4.31 -15.95
CA ARG A 168 4.81 4.63 -16.18
C ARG A 168 4.69 6.00 -16.81
N ASN A 169 3.96 6.08 -17.92
CA ASN A 169 3.86 7.32 -18.70
C ASN A 169 2.77 8.23 -18.18
N SER A 170 2.84 8.53 -16.89
CA SER A 170 1.92 9.45 -16.27
C SER A 170 2.25 10.88 -16.70
N PRO A 171 1.37 11.85 -16.40
CA PRO A 171 1.74 13.26 -16.64
C PRO A 171 3.07 13.64 -15.99
N TRP A 172 3.36 13.12 -14.78
CA TRP A 172 4.66 13.34 -14.17
C TRP A 172 5.79 13.00 -15.15
N TYR A 173 5.71 11.82 -15.76
CA TYR A 173 6.79 11.38 -16.64
C TYR A 173 6.74 12.12 -17.97
N GLN A 174 5.54 12.31 -18.54
CA GLN A 174 5.42 13.02 -19.80
C GLN A 174 6.00 14.43 -19.70
N ILE A 175 5.71 15.13 -18.61
CA ILE A 175 6.09 16.54 -18.52
C ILE A 175 7.55 16.69 -18.11
N ALA A 176 8.01 15.93 -17.11
CA ALA A 176 9.31 16.19 -16.53
C ALA A 176 10.30 15.06 -16.72
N GLY A 177 9.91 13.94 -17.32
CA GLY A 177 10.83 12.84 -17.46
C GLY A 177 11.18 12.19 -16.13
N ILE A 178 12.30 11.46 -16.14
CA ILE A 178 12.77 10.75 -14.96
C ILE A 178 13.13 11.68 -13.80
N ASP A 179 13.39 12.97 -14.08
CA ASP A 179 13.82 13.89 -13.03
C ASP A 179 12.77 14.08 -11.93
N TYR A 180 11.48 13.84 -12.21
CA TYR A 180 10.50 14.03 -11.16
C TYR A 180 10.73 13.04 -10.03
N ILE A 181 11.21 11.84 -10.37
CA ILE A 181 11.56 10.86 -9.35
C ILE A 181 12.76 11.31 -8.55
N LYS A 182 13.83 11.77 -9.23
CA LYS A 182 15.03 12.20 -8.52
C LYS A 182 14.73 13.40 -7.63
N VAL A 183 13.96 14.36 -8.14
CA VAL A 183 13.63 15.56 -7.38
C VAL A 183 12.81 15.20 -6.13
N ALA A 184 11.87 14.27 -6.28
CA ALA A 184 11.04 13.85 -5.15
C ALA A 184 11.90 13.33 -4.00
N PHE A 185 12.83 12.41 -4.27
CA PHE A 185 13.67 11.88 -3.21
C PHE A 185 14.62 12.95 -2.67
N GLN A 186 15.21 13.76 -3.54
CA GLN A 186 16.19 14.75 -3.08
C GLN A 186 15.51 15.78 -2.20
N ALA A 187 14.29 16.19 -2.54
CA ALA A 187 13.58 17.14 -1.70
C ALA A 187 13.21 16.53 -0.37
N ALA A 188 12.81 15.25 -0.36
CA ALA A 188 12.44 14.63 0.91
C ALA A 188 13.64 14.57 1.84
N ARG A 189 14.80 14.18 1.31
CA ARG A 189 16.00 14.14 2.13
C ARG A 189 16.41 15.54 2.58
N LYS A 190 16.32 16.53 1.68
CA LYS A 190 16.77 17.89 2.01
C LYS A 190 15.98 18.47 3.17
N TYR A 191 14.65 18.44 3.09
CA TYR A 191 13.82 19.03 4.12
C TYR A 191 13.54 18.12 5.30
N GLY A 192 13.79 16.82 5.17
CA GLY A 192 13.53 15.89 6.27
C GLY A 192 14.75 15.44 7.02
N GLY A 193 15.93 15.58 6.43
CA GLY A 193 17.14 15.16 7.09
C GLY A 193 17.46 13.69 6.89
N ASP A 194 18.53 13.25 7.55
CA ASP A 194 19.09 11.93 7.35
C ASP A 194 18.38 10.84 8.15
N ASN A 195 17.48 11.19 9.05
CA ASN A 195 16.86 10.19 9.90
C ASN A 195 15.57 9.61 9.34
N ILE A 196 14.93 10.26 8.35
CA ILE A 196 13.73 9.68 7.77
C ILE A 196 14.16 8.73 6.66
N LYS A 197 13.35 7.69 6.45
CA LYS A 197 13.69 6.62 5.52
C LYS A 197 12.80 6.70 4.29
N LEU A 198 13.41 6.67 3.11
CA LEU A 198 12.76 7.02 1.86
C LEU A 198 12.57 5.79 1.00
N TYR A 199 11.33 5.55 0.57
CA TYR A 199 10.96 4.33 -0.13
C TYR A 199 10.37 4.60 -1.50
N MET A 200 10.68 3.71 -2.43
CA MET A 200 9.93 3.60 -3.68
C MET A 200 8.91 2.48 -3.51
N ASN A 201 7.65 2.78 -3.80
CA ASN A 201 6.53 1.91 -3.48
C ASN A 201 5.85 1.45 -4.77
N ASP A 202 5.49 0.16 -4.84
CA ASP A 202 4.81 -0.35 -6.03
C ASP A 202 4.07 -1.63 -5.69
N TYR A 203 3.20 -2.03 -6.63
CA TYR A 203 2.49 -3.30 -6.57
C TYR A 203 3.07 -4.22 -7.62
N ASN A 204 2.83 -5.52 -7.46
CA ASN A 204 3.36 -6.52 -8.39
C ASN A 204 4.88 -6.37 -8.51
N THR A 205 5.52 -6.03 -7.39
CA THR A 205 6.97 -5.98 -7.38
C THR A 205 7.61 -7.34 -7.63
N GLU A 206 6.83 -8.41 -7.54
CA GLU A 206 7.31 -9.78 -7.74
C GLU A 206 7.28 -10.21 -9.20
N VAL A 207 6.70 -9.39 -10.08
CA VAL A 207 6.29 -9.84 -11.41
C VAL A 207 7.22 -9.24 -12.45
N GLU A 208 7.80 -10.11 -13.30
CA GLU A 208 8.57 -9.57 -14.42
C GLU A 208 7.61 -9.16 -15.54
N PRO A 209 7.97 -8.13 -16.32
CA PRO A 209 9.22 -7.36 -16.34
C PRO A 209 9.31 -6.19 -15.34
N LYS A 210 8.26 -5.98 -14.54
CA LYS A 210 8.27 -4.86 -13.59
C LYS A 210 9.37 -5.02 -12.54
N ARG A 211 9.57 -6.23 -12.03
CA ARG A 211 10.53 -6.44 -10.94
C ARG A 211 11.93 -5.98 -11.32
N THR A 212 12.46 -6.47 -12.45
CA THR A 212 13.82 -6.11 -12.82
C THR A 212 13.91 -4.66 -13.29
N ALA A 213 12.84 -4.14 -13.87
CA ALA A 213 12.80 -2.71 -14.20
C ALA A 213 12.86 -1.85 -12.95
N LEU A 214 12.12 -2.23 -11.90
CA LEU A 214 12.23 -1.58 -10.61
C LEU A 214 13.65 -1.67 -10.06
N TYR A 215 14.21 -2.88 -10.08
CA TYR A 215 15.58 -3.09 -9.64
C TYR A 215 16.55 -2.18 -10.40
N ASN A 216 16.46 -2.18 -11.73
CA ASN A 216 17.40 -1.39 -12.54
C ASN A 216 17.23 0.10 -12.27
N LEU A 217 15.98 0.56 -12.16
CA LEU A 217 15.73 1.98 -11.90
C LEU A 217 16.35 2.42 -10.58
N VAL A 218 16.10 1.68 -9.51
CA VAL A 218 16.62 2.07 -8.20
C VAL A 218 18.14 1.97 -8.17
N LYS A 219 18.70 0.93 -8.80
CA LYS A 219 20.15 0.78 -8.85
C LYS A 219 20.79 1.98 -9.55
N GLN A 220 20.18 2.42 -10.65
CA GLN A 220 20.69 3.57 -11.40
C GLN A 220 20.57 4.85 -10.57
N LEU A 221 19.39 5.09 -9.99
CA LEU A 221 19.21 6.31 -9.20
C LEU A 221 20.21 6.39 -8.06
N LYS A 222 20.44 5.27 -7.36
CA LYS A 222 21.37 5.28 -6.24
C LYS A 222 22.80 5.52 -6.70
N GLU A 223 23.17 4.98 -7.87
CA GLU A 223 24.48 5.28 -8.43
C GLU A 223 24.65 6.76 -8.72
N GLU A 224 23.56 7.44 -9.08
CA GLU A 224 23.58 8.88 -9.31
C GLU A 224 23.43 9.69 -8.04
N GLY A 225 23.46 9.05 -6.87
CA GLY A 225 23.38 9.75 -5.60
C GLY A 225 21.98 10.04 -5.09
N VAL A 226 20.94 9.60 -5.78
CA VAL A 226 19.57 9.83 -5.30
C VAL A 226 19.36 9.05 -4.00
N PRO A 227 18.87 9.67 -2.92
CA PRO A 227 18.70 8.93 -1.65
C PRO A 227 17.49 8.05 -1.68
N ILE A 228 17.68 6.74 -1.73
CA ILE A 228 16.60 5.76 -1.68
C ILE A 228 16.99 4.70 -0.65
N ASP A 229 16.20 4.57 0.41
CA ASP A 229 16.52 3.63 1.48
C ASP A 229 15.83 2.28 1.32
N GLY A 230 14.70 2.21 0.63
CA GLY A 230 14.05 0.92 0.60
C GLY A 230 13.00 0.82 -0.48
N ILE A 231 12.39 -0.37 -0.55
CA ILE A 231 11.29 -0.66 -1.45
C ILE A 231 10.05 -0.95 -0.61
N GLY A 232 8.93 -0.31 -0.95
CA GLY A 232 7.65 -0.64 -0.36
C GLY A 232 6.89 -1.56 -1.28
N HIS A 233 6.66 -2.81 -0.84
CA HIS A 233 5.94 -3.80 -1.62
C HIS A 233 4.48 -3.78 -1.19
N GLN A 234 3.59 -3.28 -2.06
CA GLN A 234 2.19 -3.20 -1.71
C GLN A 234 1.64 -4.58 -1.32
N SER A 235 2.06 -5.63 -2.02
CA SER A 235 1.62 -7.01 -1.72
C SER A 235 0.10 -7.14 -1.73
N HIS A 236 -0.52 -6.68 -2.80
CA HIS A 236 -1.94 -6.95 -3.04
C HIS A 236 -1.97 -8.30 -3.75
N ILE A 237 -2.14 -9.37 -2.96
CA ILE A 237 -1.89 -10.71 -3.48
C ILE A 237 -3.13 -11.58 -3.37
N GLN A 238 -3.01 -12.81 -3.88
CA GLN A 238 -4.07 -13.78 -3.92
C GLN A 238 -3.66 -14.97 -3.06
N ILE A 239 -4.57 -15.93 -2.94
CA ILE A 239 -4.27 -17.14 -2.17
C ILE A 239 -3.15 -17.93 -2.84
N GLY A 240 -3.12 -17.97 -4.17
CA GLY A 240 -2.10 -18.73 -4.87
C GLY A 240 -0.95 -17.86 -5.33
N TRP A 241 -1.26 -16.75 -5.98
CA TRP A 241 -0.31 -15.92 -6.68
C TRP A 241 -0.02 -14.65 -5.89
N PRO A 242 1.24 -14.17 -5.87
CA PRO A 242 2.42 -14.83 -6.44
C PRO A 242 2.97 -15.91 -5.51
N SER A 243 3.80 -16.80 -6.04
CA SER A 243 4.31 -17.90 -5.23
C SER A 243 5.25 -17.39 -4.15
N GLU A 244 5.36 -18.17 -3.07
CA GLU A 244 6.30 -17.80 -2.02
C GLU A 244 7.73 -17.78 -2.55
N ALA A 245 8.07 -18.71 -3.45
CA ALA A 245 9.40 -18.71 -4.05
C ALA A 245 9.68 -17.39 -4.77
N GLU A 246 8.68 -16.83 -5.45
CA GLU A 246 8.91 -15.59 -6.19
C GLU A 246 8.91 -14.37 -5.26
N ILE A 247 8.11 -14.40 -4.19
CA ILE A 247 8.21 -13.36 -3.17
C ILE A 247 9.61 -13.35 -2.57
N GLU A 248 10.14 -14.53 -2.23
CA GLU A 248 11.47 -14.62 -1.63
C GLU A 248 12.54 -14.08 -2.59
N LYS A 249 12.47 -14.48 -3.86
CA LYS A 249 13.40 -13.99 -4.85
C LYS A 249 13.37 -12.47 -4.94
N THR A 250 12.18 -11.90 -4.85
CA THR A 250 12.02 -10.45 -4.95
C THR A 250 12.67 -9.76 -3.75
N ILE A 251 12.31 -10.17 -2.54
CA ILE A 251 12.87 -9.57 -1.34
C ILE A 251 14.40 -9.65 -1.37
N ASN A 252 14.93 -10.83 -1.72
CA ASN A 252 16.37 -10.99 -1.75
C ASN A 252 17.01 -10.09 -2.80
N MET A 253 16.36 -9.97 -3.95
CA MET A 253 16.90 -9.18 -5.04
C MET A 253 17.13 -7.73 -4.61
N PHE A 254 16.11 -7.11 -4.02
CA PHE A 254 16.26 -5.73 -3.59
C PHE A 254 17.15 -5.60 -2.36
N ALA A 255 17.17 -6.62 -1.50
CA ALA A 255 18.06 -6.55 -0.35
C ALA A 255 19.52 -6.54 -0.78
N ALA A 256 19.83 -7.16 -1.93
CA ALA A 256 21.20 -7.19 -2.41
C ALA A 256 21.70 -5.81 -2.77
N LEU A 257 20.81 -4.88 -3.08
CA LEU A 257 21.17 -3.50 -3.34
C LEU A 257 21.34 -2.69 -2.06
N GLY A 258 21.27 -3.33 -0.90
CA GLY A 258 21.31 -2.59 0.35
C GLY A 258 20.01 -1.91 0.71
N LEU A 259 18.89 -2.32 0.12
CA LEU A 259 17.60 -1.70 0.38
C LEU A 259 16.85 -2.42 1.48
N ASP A 260 16.23 -1.65 2.37
CA ASP A 260 15.19 -2.18 3.24
C ASP A 260 13.99 -2.61 2.40
N ASN A 261 13.25 -3.59 2.90
CA ASN A 261 11.98 -3.98 2.31
C ASN A 261 10.88 -3.78 3.34
N GLN A 262 9.80 -3.11 2.94
CA GLN A 262 8.60 -3.07 3.76
C GLN A 262 7.43 -3.61 2.94
N ILE A 263 6.59 -4.40 3.61
CA ILE A 263 5.32 -4.86 3.06
C ILE A 263 4.28 -3.83 3.47
N THR A 264 3.77 -3.06 2.49
CA THR A 264 3.05 -1.83 2.85
C THR A 264 1.54 -1.91 2.71
N GLY A 265 0.99 -2.90 1.99
CA GLY A 265 -0.45 -2.89 1.74
C GLY A 265 -1.03 -4.29 1.71
N LEU A 266 -0.48 -5.15 2.54
CA LEU A 266 -0.78 -6.58 2.45
C LEU A 266 -2.27 -6.84 2.56
N ASP A 267 -2.81 -7.55 1.58
CA ASP A 267 -4.11 -8.17 1.72
C ASP A 267 -4.12 -9.43 0.86
N VAL A 268 -4.76 -10.48 1.37
CA VAL A 268 -4.83 -11.74 0.64
C VAL A 268 -6.26 -11.90 0.17
N SER A 269 -6.51 -11.48 -1.06
CA SER A 269 -7.84 -11.57 -1.65
C SER A 269 -8.32 -13.02 -1.72
N MET A 270 -9.63 -13.19 -1.61
CA MET A 270 -10.21 -14.51 -1.82
C MET A 270 -10.33 -14.89 -3.28
N TYR A 271 -10.09 -13.95 -4.19
CA TYR A 271 -10.44 -14.15 -5.59
C TYR A 271 -9.22 -14.09 -6.51
N GLY A 272 -9.46 -14.40 -7.78
CA GLY A 272 -8.47 -14.23 -8.82
C GLY A 272 -8.50 -12.83 -9.40
N TRP A 273 -8.11 -12.72 -10.66
CA TRP A 273 -8.11 -11.41 -11.31
C TRP A 273 -8.45 -11.56 -12.79
N PRO A 274 -9.50 -10.88 -13.29
CA PRO A 274 -10.41 -10.01 -12.53
C PRO A 274 -11.26 -10.81 -11.56
N PRO A 275 -11.59 -10.24 -10.39
CA PRO A 275 -12.27 -11.03 -9.36
C PRO A 275 -13.71 -11.32 -9.74
N ARG A 276 -14.14 -12.54 -9.40
CA ARG A 276 -15.55 -12.92 -9.44
C ARG A 276 -15.93 -13.19 -7.98
N ALA A 277 -16.48 -12.17 -7.34
CA ALA A 277 -16.68 -12.18 -5.90
C ALA A 277 -18.02 -12.81 -5.53
N TYR A 278 -18.09 -13.30 -4.30
CA TYR A 278 -19.38 -13.59 -3.71
C TYR A 278 -20.07 -12.28 -3.33
N PRO A 279 -21.41 -12.27 -3.27
CA PRO A 279 -22.12 -11.00 -3.02
C PRO A 279 -22.05 -10.54 -1.58
N THR A 280 -21.89 -11.45 -0.62
CA THR A 280 -21.83 -11.11 0.79
C THR A 280 -20.71 -11.90 1.43
N TYR A 281 -20.31 -11.45 2.62
CA TYR A 281 -19.35 -12.21 3.42
C TYR A 281 -19.88 -13.58 3.77
N ASP A 282 -21.17 -13.66 4.10
CA ASP A 282 -21.74 -14.91 4.57
C ASP A 282 -21.76 -15.98 3.48
N ALA A 283 -21.77 -15.57 2.20
CA ALA A 283 -21.79 -16.51 1.09
C ALA A 283 -20.42 -17.13 0.80
N ILE A 284 -19.36 -16.66 1.44
CA ILE A 284 -18.03 -17.18 1.16
C ILE A 284 -17.89 -18.53 1.86
N PRO A 285 -17.58 -19.61 1.14
CA PRO A 285 -17.51 -20.93 1.80
C PRO A 285 -16.38 -20.97 2.81
N LYS A 286 -16.60 -21.79 3.85
CA LYS A 286 -15.59 -21.96 4.89
C LYS A 286 -14.25 -22.42 4.33
N GLN A 287 -14.27 -23.23 3.27
CA GLN A 287 -13.02 -23.75 2.71
C GLN A 287 -12.09 -22.63 2.23
N LYS A 288 -12.66 -21.54 1.71
CA LYS A 288 -11.84 -20.42 1.28
C LYS A 288 -10.99 -19.88 2.43
N PHE A 289 -11.58 -19.83 3.63
CA PHE A 289 -10.85 -19.32 4.79
C PHE A 289 -9.75 -20.27 5.23
N LEU A 290 -9.95 -21.58 5.04
CA LEU A 290 -8.90 -22.54 5.31
C LEU A 290 -7.77 -22.42 4.30
N ASP A 291 -8.11 -22.26 3.02
CA ASP A 291 -7.09 -22.00 2.00
C ASP A 291 -6.33 -20.72 2.28
N GLN A 292 -7.05 -19.66 2.66
CA GLN A 292 -6.37 -18.41 2.99
C GLN A 292 -5.45 -18.59 4.19
N ALA A 293 -5.89 -19.36 5.18
CA ALA A 293 -5.09 -19.51 6.40
C ALA A 293 -3.78 -20.22 6.08
N ALA A 294 -3.82 -21.24 5.22
CA ALA A 294 -2.58 -21.93 4.85
C ALA A 294 -1.66 -21.02 4.05
N ARG A 295 -2.23 -20.19 3.17
CA ARG A 295 -1.43 -19.20 2.46
C ARG A 295 -0.77 -18.23 3.44
N TYR A 296 -1.53 -17.76 4.43
CA TYR A 296 -0.96 -16.86 5.43
C TYR A 296 0.11 -17.55 6.25
N ASP A 297 -0.12 -18.83 6.57
CA ASP A 297 0.89 -19.62 7.27
C ASP A 297 2.22 -19.61 6.53
N ARG A 298 2.20 -19.96 5.24
CA ARG A 298 3.41 -19.99 4.43
C ARG A 298 3.99 -18.59 4.27
N LEU A 299 3.12 -17.59 4.13
CA LEU A 299 3.58 -16.24 3.86
C LEU A 299 4.37 -15.67 5.03
N PHE A 300 3.84 -15.81 6.25
CA PHE A 300 4.51 -15.21 7.40
C PHE A 300 5.71 -16.04 7.86
N LYS A 301 5.69 -17.35 7.60
CA LYS A 301 6.90 -18.14 7.79
C LYS A 301 8.03 -17.63 6.90
N LEU A 302 7.70 -17.27 5.66
CA LEU A 302 8.70 -16.70 4.76
C LEU A 302 9.13 -15.31 5.21
N TYR A 303 8.20 -14.47 5.66
CA TYR A 303 8.59 -13.16 6.17
C TYR A 303 9.57 -13.32 7.33
N GLU A 304 9.29 -14.26 8.24
CA GLU A 304 10.18 -14.49 9.37
C GLU A 304 11.54 -14.98 8.92
N LYS A 305 11.57 -15.92 7.96
CA LYS A 305 12.84 -16.34 7.38
C LYS A 305 13.64 -15.15 6.87
N LEU A 306 12.96 -14.17 6.27
CA LEU A 306 13.61 -13.00 5.70
C LEU A 306 13.59 -11.81 6.64
N SER A 307 13.44 -12.05 7.95
CA SER A 307 13.20 -10.92 8.85
C SER A 307 14.38 -9.96 8.89
N ASP A 308 15.58 -10.41 8.54
CA ASP A 308 16.68 -9.45 8.54
C ASP A 308 16.63 -8.50 7.36
N LYS A 309 15.71 -8.72 6.42
CA LYS A 309 15.57 -7.86 5.25
C LYS A 309 14.23 -7.13 5.19
N ILE A 310 13.38 -7.29 6.20
CA ILE A 310 12.05 -6.71 6.23
C ILE A 310 11.86 -6.00 7.57
N SER A 311 11.63 -4.69 7.53
CA SER A 311 11.43 -3.95 8.78
C SER A 311 9.96 -3.80 9.20
N ASN A 312 9.01 -4.03 8.30
CA ASN A 312 7.60 -3.77 8.60
C ASN A 312 6.72 -4.58 7.67
N VAL A 313 5.63 -5.10 8.22
CA VAL A 313 4.54 -5.70 7.45
C VAL A 313 3.27 -4.97 7.83
N THR A 314 2.67 -4.25 6.89
CA THR A 314 1.45 -3.51 7.12
C THR A 314 0.32 -4.12 6.29
N PHE A 315 -0.81 -4.38 6.94
CA PHE A 315 -2.03 -4.79 6.26
C PHE A 315 -2.77 -3.55 5.80
N TRP A 316 -3.36 -3.60 4.60
CA TRP A 316 -4.13 -2.45 4.11
C TRP A 316 -5.55 -2.46 4.70
N GLY A 317 -5.60 -2.43 6.02
CA GLY A 317 -6.86 -2.37 6.76
C GLY A 317 -6.70 -3.02 8.12
N ILE A 318 -7.83 -3.08 8.84
CA ILE A 318 -7.88 -3.61 10.21
C ILE A 318 -8.61 -4.94 10.25
N ALA A 319 -9.88 -4.95 9.90
CA ALA A 319 -10.66 -6.18 9.91
C ALA A 319 -11.54 -6.23 8.67
N ASP A 320 -12.06 -7.42 8.38
CA ASP A 320 -12.69 -7.71 7.09
C ASP A 320 -13.91 -6.84 6.80
N ASN A 321 -14.46 -6.12 7.78
CA ASN A 321 -15.60 -5.24 7.51
C ASN A 321 -15.24 -4.04 6.65
N HIS A 322 -13.95 -3.72 6.47
CA HIS A 322 -13.57 -2.53 5.70
C HIS A 322 -12.30 -2.85 4.92
N THR A 323 -12.41 -2.91 3.60
CA THR A 323 -11.25 -3.15 2.75
C THR A 323 -11.52 -2.55 1.38
N TRP A 324 -10.51 -1.86 0.85
CA TRP A 324 -10.60 -1.32 -0.52
C TRP A 324 -10.82 -2.42 -1.55
N LEU A 325 -10.54 -3.68 -1.21
CA LEU A 325 -10.74 -4.75 -2.17
C LEU A 325 -12.21 -4.92 -2.55
N ASP A 326 -13.12 -4.45 -1.72
CA ASP A 326 -14.54 -4.53 -2.05
C ASP A 326 -14.87 -3.74 -3.30
N SER A 327 -14.11 -2.66 -3.57
CA SER A 327 -14.33 -1.87 -4.77
C SER A 327 -14.01 -2.67 -6.03
N ARG A 328 -13.21 -3.73 -5.91
CA ARG A 328 -12.90 -4.63 -7.02
C ARG A 328 -13.75 -5.90 -6.99
N ALA A 329 -14.60 -6.07 -5.99
CA ALA A 329 -15.31 -7.34 -5.80
C ALA A 329 -16.55 -7.34 -6.69
N ASP A 330 -16.32 -7.59 -7.99
CA ASP A 330 -17.40 -7.64 -8.97
C ASP A 330 -18.18 -8.94 -8.84
N VAL A 331 -19.51 -8.86 -8.84
CA VAL A 331 -20.36 -10.04 -8.74
C VAL A 331 -20.96 -10.35 -10.10
N TYR A 332 -20.70 -11.56 -10.58
CA TYR A 332 -21.16 -12.03 -11.88
C TYR A 332 -22.40 -12.90 -11.69
N TYR A 333 -23.42 -12.66 -12.52
CA TYR A 333 -24.70 -13.35 -12.45
C TYR A 333 -25.01 -14.05 -13.77
N ASP A 334 -25.44 -15.31 -13.70
CA ASP A 334 -25.87 -16.01 -14.91
C ASP A 334 -27.29 -15.58 -15.28
N ALA A 335 -27.83 -16.21 -16.33
CA ALA A 335 -29.11 -15.76 -16.88
C ALA A 335 -30.27 -16.01 -15.92
N ASN A 336 -30.13 -16.97 -15.02
CA ASN A 336 -31.13 -17.22 -13.99
C ASN A 336 -30.94 -16.36 -12.74
N GLY A 337 -29.96 -15.46 -12.74
CA GLY A 337 -29.71 -14.64 -11.57
C GLY A 337 -28.93 -15.31 -10.47
N ASN A 338 -28.29 -16.45 -10.73
CA ASN A 338 -27.41 -17.08 -9.75
C ASN A 338 -25.99 -16.55 -9.86
N VAL A 339 -25.30 -16.50 -8.72
CA VAL A 339 -23.95 -15.95 -8.67
C VAL A 339 -22.98 -16.89 -9.38
N VAL A 340 -22.05 -16.32 -10.13
CA VAL A 340 -21.03 -17.09 -10.85
C VAL A 340 -19.67 -16.70 -10.31
N VAL A 341 -18.96 -17.67 -9.74
CA VAL A 341 -17.62 -17.42 -9.20
C VAL A 341 -16.54 -18.14 -10.00
N ASP A 342 -16.89 -19.17 -10.77
CA ASP A 342 -15.95 -19.84 -11.66
C ASP A 342 -15.44 -18.86 -12.71
N PRO A 343 -14.12 -18.66 -12.82
CA PRO A 343 -13.61 -17.63 -13.76
C PRO A 343 -13.88 -17.90 -15.24
N ASN A 344 -14.16 -19.13 -15.63
CA ASN A 344 -14.37 -19.42 -17.04
C ASN A 344 -15.84 -19.60 -17.41
N ALA A 345 -16.74 -19.59 -16.43
CA ALA A 345 -18.11 -20.01 -16.61
C ALA A 345 -18.95 -18.95 -17.33
N PRO A 346 -20.04 -19.36 -17.99
CA PRO A 346 -20.96 -18.40 -18.59
C PRO A 346 -21.55 -17.45 -17.57
N TYR A 347 -21.91 -16.26 -18.04
CA TYR A 347 -22.58 -15.28 -17.21
C TYR A 347 -23.22 -14.25 -18.13
N ALA A 348 -24.23 -13.55 -17.59
CA ALA A 348 -25.01 -12.58 -18.34
C ALA A 348 -24.70 -11.14 -17.96
N LYS A 349 -24.52 -10.84 -16.68
CA LYS A 349 -24.27 -9.47 -16.25
C LYS A 349 -23.31 -9.47 -15.07
N VAL A 350 -22.72 -8.31 -14.82
CA VAL A 350 -21.81 -8.13 -13.69
C VAL A 350 -22.22 -6.87 -12.91
N GLU A 351 -22.17 -6.96 -11.59
CA GLU A 351 -22.40 -5.81 -10.72
C GLU A 351 -21.05 -5.43 -10.11
N LYS A 352 -20.42 -4.41 -10.70
CA LYS A 352 -19.04 -4.10 -10.36
C LYS A 352 -18.93 -3.49 -8.97
N GLY A 353 -17.97 -3.98 -8.18
CA GLY A 353 -17.73 -3.41 -6.87
C GLY A 353 -18.83 -3.63 -5.85
N LYS A 354 -19.73 -4.60 -6.08
CA LYS A 354 -20.87 -4.81 -5.22
C LYS A 354 -20.72 -6.01 -4.27
N GLY A 355 -19.64 -6.79 -4.38
CA GLY A 355 -19.45 -7.99 -3.58
C GLY A 355 -18.57 -7.76 -2.37
N LYS A 356 -18.09 -8.87 -1.80
CA LYS A 356 -17.36 -8.81 -0.54
C LYS A 356 -16.11 -9.67 -0.63
N ASP A 357 -14.96 -9.07 -0.35
CA ASP A 357 -13.71 -9.78 -0.13
C ASP A 357 -13.47 -9.93 1.37
N ALA A 358 -12.47 -10.74 1.72
CA ALA A 358 -12.22 -11.12 3.11
C ALA A 358 -10.73 -11.33 3.31
N PRO A 359 -9.92 -10.25 3.33
CA PRO A 359 -8.47 -10.40 3.12
C PRO A 359 -7.59 -10.45 4.35
N PHE A 360 -8.13 -10.21 5.53
CA PHE A 360 -7.28 -10.03 6.70
C PHE A 360 -7.31 -11.27 7.60
N VAL A 361 -6.68 -11.18 8.78
CA VAL A 361 -6.77 -12.25 9.76
C VAL A 361 -7.86 -12.00 10.79
N PHE A 362 -8.54 -10.86 10.72
CA PHE A 362 -9.64 -10.54 11.63
C PHE A 362 -10.93 -10.41 10.81
N GLY A 363 -11.99 -11.06 11.29
CA GLY A 363 -13.25 -11.07 10.58
C GLY A 363 -14.03 -9.79 10.80
N PRO A 364 -15.15 -9.66 10.07
CA PRO A 364 -15.89 -8.39 10.09
C PRO A 364 -16.57 -8.10 11.40
N ASP A 365 -16.75 -9.11 12.25
CA ASP A 365 -17.23 -8.92 13.61
C ASP A 365 -16.08 -8.81 14.60
N TYR A 366 -14.86 -8.55 14.13
CA TYR A 366 -13.68 -8.37 14.99
C TYR A 366 -13.36 -9.62 15.80
N LYS A 367 -13.67 -10.80 15.25
CA LYS A 367 -13.25 -12.06 15.83
C LYS A 367 -12.18 -12.67 14.94
N VAL A 368 -11.29 -13.49 15.52
CA VAL A 368 -10.12 -13.96 14.78
C VAL A 368 -10.51 -15.05 13.81
N LYS A 369 -9.86 -15.03 12.64
CA LYS A 369 -10.09 -15.99 11.57
C LYS A 369 -9.09 -17.12 11.69
N PRO A 370 -9.27 -18.22 10.94
CA PRO A 370 -8.21 -19.23 10.94
C PRO A 370 -6.87 -18.69 10.49
N ALA A 371 -6.85 -17.66 9.64
CA ALA A 371 -5.58 -17.05 9.24
C ALA A 371 -4.84 -16.46 10.42
N TYR A 372 -5.56 -15.90 11.40
CA TYR A 372 -4.94 -15.42 12.63
C TYR A 372 -4.19 -16.54 13.35
N TRP A 373 -4.88 -17.64 13.66
CA TRP A 373 -4.22 -18.74 14.34
C TRP A 373 -3.02 -19.24 13.54
N ALA A 374 -3.13 -19.20 12.21
CA ALA A 374 -2.03 -19.64 11.36
C ALA A 374 -0.79 -18.76 11.54
N ILE A 375 -0.93 -17.48 11.87
CA ILE A 375 0.26 -16.64 11.96
C ILE A 375 0.62 -16.28 13.39
N ILE A 376 -0.26 -16.54 14.36
CA ILE A 376 0.09 -16.25 15.74
C ILE A 376 0.94 -17.36 16.34
N ASP A 377 0.89 -18.57 15.80
CA ASP A 377 1.60 -19.70 16.39
C ASP A 377 3.06 -19.69 15.94
N HIS A 378 3.80 -20.72 16.35
CA HIS A 378 5.22 -20.82 15.99
C HIS A 378 5.49 -22.09 15.19
N LYS A 379 4.50 -22.54 14.42
CA LYS A 379 4.66 -23.71 13.55
C LYS A 379 4.52 -23.26 12.11
ZN ZN B . -11.16 2.55 3.31
ZN ZN C . 13.27 -7.10 10.56
ZN ZN D . -24.35 -10.72 5.85
ZN ZN E . 2.20 -20.61 11.36
ZN ZN F . 1.60 -3.18 20.94
ZN ZN G . 12.91 -13.70 16.74
CL CL H . -11.32 1.50 1.40
CL CL I . 12.25 -13.92 18.91
#